data_1JFI
#
_entry.id   1JFI
#
_cell.length_a   76.684
_cell.length_b   119.075
_cell.length_c   155.076
_cell.angle_alpha   90.00
_cell.angle_beta   90.00
_cell.angle_gamma   90.00
#
_symmetry.space_group_name_H-M   'C 2 2 21'
#
loop_
_entity.id
_entity.type
_entity.pdbx_description
1 polymer "5'-D(*TP*TP*GP*GP*CP*TP*AP*TP*AP*AP*AP*AP*GP*GP*GP*CP*TP*CP*C)-3'"
2 polymer "5'-D(*G*GP*AP*GP*CP*CP*CP*TP*TP*TP*TP*AP*TP*AP*GP*CP*CP*AP*A)-3'"
3 polymer 'Transcription Regulator NC2 alpha chain'
4 polymer 'Transcription Regulator NC2 beta chain'
5 polymer 'TATA-BOX-BINDING PROTEIN (TBP)'
6 water water
#
loop_
_entity_poly.entity_id
_entity_poly.type
_entity_poly.pdbx_seq_one_letter_code
_entity_poly.pdbx_strand_id
1 'polydeoxyribonucleotide' (DT)(DT)(DG)(DG)(DC)(DT)(DA)(DT)(DA)(DA)(DA)(DA)(DG)(DG)(DG)(DC)(DT)(DC)(DC) D
2 'polydeoxyribonucleotide' (DG)(DG)(DA)(DG)(DC)(DC)(DC)(DT)(DT)(DT)(DT)(DA)(DT)(DA)(DG)(DC)(DC)(DA)(DA) E
3 'polypeptide(L)'
;MPSKKKKYNARFPPARIKKIMQTDEEIGKVAAAVPVIISRALELFLESLLKKACQVTQSRNAKTMTTSHLKQCIELEGDP
AANKARKEAELAAATAEQ
;
A
4 'polypeptide(L)'
;GPHMASSSGNDDDLTIPRAAINKMIKETLPNVRVANDARELVVNCCTEFIHLISSEANEICNKSEKKTISPEHVIQALES
LGFGSYISEVKEVLQECKTVALKRRKASSRLENLGIPEEELLRQQQELFAKARQQQAELAQQEWLQMQQAAQQAQLAAAS
ASASNQAGSSQDEEDDDDI
;
B
5 'polypeptide(L)'
;GSHMSGIVPQLQNIVSTVNLGCKLDLKTIALRARNAEYNPKRFAAVIMRIREPRTTALIFSSGKMVCTGAKSEEQSRLAA
RKYARVVQKLGFPAKFLDFKIQNMVGSCDVKFPIRLEGLVLTHQQFSSYEPELFPGLIYRMIKPRIVLLIFVSGKVVLTG
AKVRAEIYEAFENIYPILKGFRKTT
;
C
#
# COMPACT_ATOMS: atom_id res chain seq x y z
N ALA C 10 -14.43 -1.35 19.57
CA ALA C 10 -13.75 -0.56 18.50
C ALA C 10 -12.57 -1.30 17.84
N ARG C 11 -12.49 -1.21 16.51
CA ARG C 11 -11.44 -1.82 15.70
C ARG C 11 -10.27 -0.87 15.52
N PHE C 12 -9.06 -1.42 15.48
CA PHE C 12 -7.88 -0.59 15.36
C PHE C 12 -7.12 -0.75 14.03
N PRO C 13 -6.52 0.35 13.55
CA PRO C 13 -5.75 0.44 12.30
C PRO C 13 -4.62 -0.58 12.18
N PRO C 14 -4.83 -1.65 11.39
CA PRO C 14 -3.78 -2.66 11.24
C PRO C 14 -2.44 -2.05 10.78
N ALA C 15 -2.51 -1.15 9.80
CA ALA C 15 -1.31 -0.49 9.29
C ALA C 15 -0.53 0.12 10.45
N ARG C 16 -1.25 0.84 11.31
CA ARG C 16 -0.63 1.47 12.48
C ARG C 16 -0.07 0.38 13.42
N ILE C 17 -0.85 -0.67 13.62
CA ILE C 17 -0.43 -1.77 14.47
C ILE C 17 0.86 -2.42 13.95
N LYS C 18 0.98 -2.58 12.63
CA LYS C 18 2.18 -3.19 12.08
C LYS C 18 3.36 -2.25 12.25
N LYS C 19 3.13 -0.97 12.00
CA LYS C 19 4.19 0.02 12.16
C LYS C 19 4.66 0.00 13.63
N ILE C 20 3.72 -0.08 14.56
CA ILE C 20 4.07 -0.11 15.98
C ILE C 20 4.86 -1.37 16.29
N MET C 21 4.40 -2.53 15.81
CA MET C 21 5.11 -3.80 16.03
C MET C 21 6.58 -3.70 15.59
N GLN C 22 6.80 -3.08 14.44
CA GLN C 22 8.14 -3.00 13.90
C GLN C 22 9.03 -1.87 14.44
N THR C 23 8.62 -1.29 15.55
CA THR C 23 9.42 -0.27 16.20
C THR C 23 10.48 -1.08 16.95
N ASP C 24 10.28 -2.40 16.92
CA ASP C 24 11.17 -3.38 17.55
C ASP C 24 12.05 -3.95 16.43
N GLU C 25 13.35 -3.71 16.52
CA GLU C 25 14.30 -4.19 15.52
C GLU C 25 14.32 -5.71 15.38
N GLU C 26 14.00 -6.42 16.46
CA GLU C 26 14.02 -7.88 16.44
C GLU C 26 12.91 -8.48 15.60
N ILE C 27 11.78 -7.79 15.54
CA ILE C 27 10.63 -8.27 14.78
C ILE C 27 10.91 -8.22 13.27
N GLY C 28 10.86 -9.39 12.64
CA GLY C 28 11.11 -9.48 11.22
C GLY C 28 9.84 -9.25 10.43
N LYS C 29 9.58 -10.11 9.43
CA LYS C 29 8.39 -9.99 8.60
C LYS C 29 7.21 -10.51 9.40
N VAL C 30 6.04 -9.95 9.18
CA VAL C 30 4.85 -10.39 9.90
C VAL C 30 3.66 -10.61 8.95
N ALA C 31 2.99 -11.76 9.09
CA ALA C 31 1.86 -12.12 8.24
C ALA C 31 0.73 -11.08 8.25
N ALA C 32 0.33 -10.66 7.06
CA ALA C 32 -0.74 -9.67 6.87
C ALA C 32 -1.93 -9.77 7.84
N ALA C 33 -2.40 -10.98 8.09
CA ALA C 33 -3.52 -11.20 8.99
C ALA C 33 -3.19 -10.93 10.47
N VAL C 34 -1.92 -11.04 10.85
CA VAL C 34 -1.50 -10.84 12.24
C VAL C 34 -2.00 -9.54 12.86
N PRO C 35 -1.64 -8.39 12.29
CA PRO C 35 -2.09 -7.11 12.85
C PRO C 35 -3.59 -7.04 13.12
N VAL C 36 -4.40 -7.72 12.32
CA VAL C 36 -5.84 -7.67 12.53
C VAL C 36 -6.28 -8.49 13.74
N ILE C 37 -5.60 -9.60 14.02
CA ILE C 37 -5.98 -10.39 15.19
C ILE C 37 -5.48 -9.62 16.41
N ILE C 38 -4.28 -9.05 16.31
CA ILE C 38 -3.77 -8.30 17.44
C ILE C 38 -4.75 -7.16 17.71
N SER C 39 -5.38 -6.63 16.68
CA SER C 39 -6.35 -5.58 16.89
C SER C 39 -7.48 -6.12 17.77
N ARG C 40 -8.00 -7.31 17.43
CA ARG C 40 -9.08 -7.93 18.20
C ARG C 40 -8.62 -8.19 19.63
N ALA C 41 -7.38 -8.64 19.76
CA ALA C 41 -6.80 -8.90 21.05
C ALA C 41 -6.72 -7.59 21.81
N LEU C 42 -6.24 -6.54 21.15
CA LEU C 42 -6.13 -5.24 21.82
C LEU C 42 -7.50 -4.78 22.30
N GLU C 43 -8.51 -5.10 21.51
CA GLU C 43 -9.89 -4.75 21.83
C GLU C 43 -10.37 -5.50 23.10
N LEU C 44 -10.04 -6.80 23.18
CA LEU C 44 -10.43 -7.62 24.34
C LEU C 44 -9.67 -7.19 25.59
N PHE C 45 -8.45 -6.71 25.40
CA PHE C 45 -7.61 -6.28 26.51
C PHE C 45 -8.10 -4.97 27.10
N LEU C 46 -8.59 -4.07 26.25
CA LEU C 46 -9.07 -2.79 26.76
C LEU C 46 -10.40 -2.94 27.47
N GLU C 47 -11.27 -3.81 26.96
CA GLU C 47 -12.55 -4.02 27.61
C GLU C 47 -12.35 -4.61 29.00
N SER C 48 -11.49 -5.61 29.09
CA SER C 48 -11.21 -6.25 30.36
C SER C 48 -10.52 -5.27 31.31
N LEU C 49 -9.58 -4.51 30.78
CA LEU C 49 -8.84 -3.53 31.56
C LEU C 49 -9.70 -2.36 32.06
N LEU C 50 -10.45 -1.75 31.15
CA LEU C 50 -11.30 -0.62 31.52
C LEU C 50 -12.35 -1.02 32.54
N LYS C 51 -12.90 -2.22 32.38
CA LYS C 51 -13.95 -2.72 33.27
C LYS C 51 -13.45 -3.01 34.69
N LYS C 52 -12.16 -3.29 34.81
CA LYS C 52 -11.57 -3.55 36.11
C LYS C 52 -11.29 -2.19 36.72
N ALA C 53 -10.67 -1.32 35.94
CA ALA C 53 -10.34 0.02 36.40
C ALA C 53 -11.61 0.76 36.81
N CYS C 54 -12.71 0.43 36.15
CA CYS C 54 -13.97 1.08 36.49
C CYS C 54 -14.39 0.64 37.88
N GLN C 55 -14.13 -0.62 38.20
CA GLN C 55 -14.44 -1.15 39.52
C GLN C 55 -13.62 -0.37 40.54
N VAL C 56 -12.32 -0.26 40.30
CA VAL C 56 -11.41 0.46 41.19
C VAL C 56 -11.84 1.91 41.36
N THR C 57 -12.40 2.50 40.31
CA THR C 57 -12.84 3.89 40.39
C THR C 57 -14.07 4.03 41.29
N GLN C 58 -15.02 3.11 41.15
CA GLN C 58 -16.25 3.16 41.95
C GLN C 58 -16.01 2.78 43.41
N SER C 59 -14.77 2.39 43.74
CA SER C 59 -14.43 2.04 45.11
C SER C 59 -13.55 3.13 45.71
N ARG C 60 -13.75 4.36 45.26
CA ARG C 60 -12.99 5.51 45.75
C ARG C 60 -13.99 6.62 46.02
N THR C 64 -15.25 9.96 38.25
CA THR C 64 -14.28 10.13 37.17
C THR C 64 -13.08 9.20 37.32
N MET C 65 -12.78 8.43 36.27
CA MET C 65 -11.66 7.50 36.26
C MET C 65 -10.34 8.26 36.09
N THR C 66 -9.35 7.94 36.92
CA THR C 66 -8.07 8.64 36.84
C THR C 66 -6.90 7.74 36.47
N THR C 67 -5.74 8.36 36.27
CA THR C 67 -4.51 7.67 35.91
C THR C 67 -4.16 6.59 36.94
N SER C 68 -4.45 6.84 38.20
CA SER C 68 -4.16 5.88 39.26
C SER C 68 -5.04 4.63 39.18
N HIS C 69 -6.35 4.81 39.06
CA HIS C 69 -7.27 3.68 38.97
C HIS C 69 -6.87 2.70 37.87
N LEU C 70 -6.17 3.22 36.86
CA LEU C 70 -5.74 2.40 35.73
C LEU C 70 -4.43 1.67 36.01
N LYS C 71 -3.42 2.42 36.43
CA LYS C 71 -2.11 1.85 36.72
C LYS C 71 -2.21 0.61 37.61
N GLN C 72 -3.13 0.64 38.57
CA GLN C 72 -3.32 -0.48 39.50
C GLN C 72 -3.94 -1.69 38.81
N CYS C 73 -3.83 -1.73 37.48
CA CYS C 73 -4.36 -2.83 36.69
C CYS C 73 -3.22 -3.37 35.82
N ILE C 74 -2.15 -2.59 35.75
CA ILE C 74 -0.96 -2.94 34.98
C ILE C 74 0.18 -3.16 35.99
N GLU C 75 -0.21 -3.47 37.22
CA GLU C 75 0.74 -3.71 38.31
C GLU C 75 1.33 -5.12 38.29
N ASP D 12 10.08 4.89 17.64
CA ASP D 12 8.95 5.65 17.02
C ASP D 12 7.90 6.07 18.06
N ASP D 13 7.18 7.14 17.74
CA ASP D 13 6.14 7.68 18.60
C ASP D 13 4.74 7.38 18.06
N LEU D 14 4.61 6.25 17.38
CA LEU D 14 3.33 5.84 16.81
C LEU D 14 2.44 5.32 17.91
N THR D 15 1.17 5.68 17.85
CA THR D 15 0.21 5.24 18.84
C THR D 15 -1.15 5.13 18.16
N ILE D 16 -2.00 4.25 18.67
CA ILE D 16 -3.32 4.12 18.07
C ILE D 16 -4.03 5.45 18.27
N PRO D 17 -4.78 5.89 17.25
CA PRO D 17 -5.53 7.15 17.27
C PRO D 17 -6.38 7.36 18.53
N ARG D 18 -6.24 8.53 19.12
CA ARG D 18 -6.98 8.91 20.32
C ARG D 18 -8.46 8.60 20.16
N ALA D 19 -8.99 8.95 19.00
CA ALA D 19 -10.40 8.74 18.71
C ALA D 19 -10.78 7.28 18.86
N ALA D 20 -9.91 6.36 18.44
CA ALA D 20 -10.23 4.93 18.54
C ALA D 20 -10.40 4.51 19.99
N ILE D 21 -9.50 5.00 20.86
CA ILE D 21 -9.56 4.70 22.28
C ILE D 21 -10.82 5.33 22.91
N ASN D 22 -11.18 6.52 22.45
CA ASN D 22 -12.34 7.18 23.02
C ASN D 22 -13.62 6.49 22.63
N LYS D 23 -13.65 5.94 21.42
CA LYS D 23 -14.84 5.23 20.99
C LYS D 23 -14.93 3.95 21.81
N MET D 24 -13.78 3.37 22.15
CA MET D 24 -13.77 2.15 22.94
C MET D 24 -14.27 2.44 24.35
N ILE D 25 -13.74 3.49 24.96
CA ILE D 25 -14.17 3.84 26.31
C ILE D 25 -15.67 4.08 26.36
N LYS D 26 -16.19 4.84 25.40
CA LYS D 26 -17.62 5.14 25.34
C LYS D 26 -18.47 3.88 25.19
N GLU D 27 -18.05 3.00 24.29
CA GLU D 27 -18.78 1.77 24.03
C GLU D 27 -18.69 0.78 25.19
N THR D 28 -17.62 0.84 25.94
CA THR D 28 -17.42 -0.07 27.06
C THR D 28 -17.92 0.47 28.38
N LEU D 29 -17.60 1.73 28.69
CA LEU D 29 -18.04 2.36 29.93
C LEU D 29 -19.07 3.45 29.67
N PRO D 30 -20.30 3.06 29.29
CA PRO D 30 -21.34 4.05 29.02
C PRO D 30 -21.63 4.85 30.28
N ASN D 31 -21.45 6.16 30.21
CA ASN D 31 -21.70 7.05 31.34
C ASN D 31 -20.62 6.96 32.42
N VAL D 32 -19.38 7.17 32.04
CA VAL D 32 -18.27 7.14 33.00
C VAL D 32 -17.26 8.20 32.59
N ARG D 33 -17.15 9.26 33.37
CA ARG D 33 -16.20 10.32 33.06
C ARG D 33 -14.80 9.78 33.22
N VAL D 34 -14.00 9.92 32.17
CA VAL D 34 -12.63 9.44 32.20
C VAL D 34 -11.67 10.60 31.97
N ALA D 35 -10.81 10.84 32.95
CA ALA D 35 -9.82 11.91 32.89
C ALA D 35 -9.03 11.87 31.59
N ASN D 36 -8.75 13.04 31.02
CA ASN D 36 -7.98 13.12 29.78
C ASN D 36 -6.59 12.52 29.98
N ASP D 37 -6.11 12.60 31.21
CA ASP D 37 -4.80 12.07 31.60
C ASP D 37 -4.83 10.54 31.47
N ALA D 38 -5.90 9.96 32.00
CA ALA D 38 -6.11 8.52 31.99
C ALA D 38 -6.31 8.01 30.56
N ARG D 39 -6.97 8.82 29.74
CA ARG D 39 -7.22 8.46 28.34
C ARG D 39 -5.85 8.32 27.66
N GLU D 40 -4.90 9.15 28.08
CA GLU D 40 -3.56 9.10 27.53
C GLU D 40 -2.84 7.82 27.95
N LEU D 41 -3.16 7.34 29.14
CA LEU D 41 -2.53 6.14 29.66
C LEU D 41 -3.02 4.89 28.91
N VAL D 42 -4.30 4.89 28.53
CA VAL D 42 -4.86 3.76 27.79
C VAL D 42 -4.24 3.73 26.40
N VAL D 43 -4.15 4.89 25.76
CA VAL D 43 -3.55 4.98 24.43
C VAL D 43 -2.15 4.38 24.47
N ASN D 44 -1.44 4.61 25.57
CA ASN D 44 -0.10 4.10 25.72
C ASN D 44 -0.05 2.63 26.14
N CYS D 45 -1.03 2.17 26.90
CA CYS D 45 -1.07 0.75 27.28
C CYS D 45 -1.17 -0.03 25.98
N CYS D 46 -1.93 0.52 25.05
CA CYS D 46 -2.13 -0.12 23.75
C CYS D 46 -0.81 -0.47 23.08
N THR D 47 0.07 0.52 22.96
CA THR D 47 1.35 0.26 22.34
C THR D 47 2.18 -0.74 23.18
N GLU D 48 2.05 -0.70 24.50
CA GLU D 48 2.80 -1.62 25.33
C GLU D 48 2.37 -3.05 25.05
N PHE D 49 1.05 -3.24 25.00
CA PHE D 49 0.47 -4.55 24.74
C PHE D 49 0.95 -5.09 23.38
N ILE D 50 0.86 -4.26 22.35
CA ILE D 50 1.31 -4.66 21.02
C ILE D 50 2.74 -5.19 21.12
N HIS D 51 3.61 -4.45 21.81
CA HIS D 51 5.00 -4.86 21.99
C HIS D 51 5.11 -6.16 22.79
N LEU D 52 4.30 -6.30 23.83
CA LEU D 52 4.29 -7.50 24.66
C LEU D 52 3.96 -8.73 23.82
N ILE D 53 2.82 -8.67 23.13
CA ILE D 53 2.37 -9.79 22.29
C ILE D 53 3.38 -10.11 21.21
N SER D 54 3.84 -9.06 20.51
CA SER D 54 4.79 -9.18 19.42
C SER D 54 6.10 -9.85 19.82
N SER D 55 6.69 -9.39 20.92
CA SER D 55 7.94 -9.95 21.43
C SER D 55 7.79 -11.45 21.73
N GLU D 56 6.74 -11.80 22.44
CA GLU D 56 6.48 -13.20 22.78
C GLU D 56 6.24 -14.02 21.52
N ALA D 57 5.52 -13.45 20.57
CA ALA D 57 5.22 -14.13 19.32
C ALA D 57 6.50 -14.31 18.51
N ASN D 58 7.33 -13.28 18.52
CA ASN D 58 8.58 -13.33 17.77
C ASN D 58 9.51 -14.43 18.26
N GLU D 59 9.41 -14.79 19.55
CA GLU D 59 10.24 -15.84 20.10
C GLU D 59 9.61 -17.18 19.73
N ILE D 60 8.32 -17.31 20.00
CA ILE D 60 7.62 -18.52 19.66
C ILE D 60 7.87 -18.84 18.19
N CYS D 61 8.14 -17.80 17.41
CA CYS D 61 8.39 -17.91 15.98
C CYS D 61 9.78 -18.50 15.67
N ASN D 62 10.82 -17.88 16.21
CA ASN D 62 12.18 -18.36 15.98
C ASN D 62 12.22 -19.85 16.25
N LYS D 63 11.63 -20.26 17.37
CA LYS D 63 11.59 -21.67 17.74
C LYS D 63 10.90 -22.51 16.66
N SER D 64 9.78 -22.00 16.14
CA SER D 64 9.01 -22.73 15.13
C SER D 64 9.71 -22.83 13.77
N GLU D 65 11.03 -22.71 13.77
CA GLU D 65 11.81 -22.79 12.54
C GLU D 65 11.20 -22.08 11.33
N LYS D 66 10.37 -21.08 11.61
CA LYS D 66 9.73 -20.29 10.55
C LYS D 66 10.36 -18.91 10.50
N LYS D 67 10.03 -18.15 9.46
CA LYS D 67 10.60 -16.81 9.30
C LYS D 67 9.62 -15.66 9.54
N THR D 68 8.35 -15.90 9.25
CA THR D 68 7.36 -14.86 9.43
C THR D 68 6.34 -15.16 10.52
N ILE D 69 6.21 -14.20 11.44
CA ILE D 69 5.29 -14.30 12.56
C ILE D 69 3.89 -14.55 12.01
N SER D 70 3.38 -15.76 12.22
CA SER D 70 2.07 -16.14 11.72
C SER D 70 0.96 -15.98 12.76
N PRO D 71 -0.29 -15.99 12.31
CA PRO D 71 -1.44 -15.83 13.21
C PRO D 71 -1.45 -16.91 14.29
N GLU D 72 -0.66 -17.95 14.10
CA GLU D 72 -0.58 -19.04 15.05
C GLU D 72 0.34 -18.65 16.20
N HIS D 73 1.50 -18.09 15.84
CA HIS D 73 2.48 -17.64 16.81
C HIS D 73 1.83 -16.63 17.74
N VAL D 74 0.91 -15.81 17.21
CA VAL D 74 0.24 -14.81 18.02
C VAL D 74 -0.77 -15.46 18.96
N ILE D 75 -1.39 -16.53 18.52
CA ILE D 75 -2.35 -17.23 19.37
C ILE D 75 -1.62 -17.90 20.52
N GLN D 76 -0.48 -18.52 20.22
CA GLN D 76 0.30 -19.21 21.23
C GLN D 76 0.88 -18.23 22.23
N ALA D 77 1.26 -17.05 21.77
CA ALA D 77 1.83 -16.05 22.67
C ALA D 77 0.76 -15.57 23.65
N LEU D 78 -0.46 -15.47 23.16
CA LEU D 78 -1.60 -15.04 23.96
C LEU D 78 -1.82 -16.00 25.13
N GLU D 79 -1.89 -17.29 24.82
CA GLU D 79 -2.06 -18.34 25.81
C GLU D 79 -0.89 -18.24 26.79
N SER D 80 0.30 -18.35 26.21
CA SER D 80 1.55 -18.30 26.93
C SER D 80 1.70 -17.11 27.86
N LEU D 81 1.23 -15.95 27.40
CA LEU D 81 1.32 -14.72 28.19
C LEU D 81 0.28 -14.62 29.30
N GLY D 82 -0.76 -15.44 29.24
CA GLY D 82 -1.81 -15.38 30.24
C GLY D 82 -3.08 -14.72 29.72
N PHE D 83 -3.24 -14.74 28.40
CA PHE D 83 -4.40 -14.15 27.77
C PHE D 83 -5.21 -15.24 27.08
N GLY D 84 -5.03 -16.47 27.52
CA GLY D 84 -5.73 -17.60 26.93
C GLY D 84 -7.21 -17.39 26.70
N SER D 85 -7.90 -16.62 27.54
CA SER D 85 -9.34 -16.43 27.36
C SER D 85 -9.75 -15.58 26.16
N TYR D 86 -8.78 -15.14 25.36
CA TYR D 86 -9.05 -14.32 24.18
C TYR D 86 -9.06 -15.20 22.94
N ILE D 87 -8.30 -16.29 23.01
CA ILE D 87 -8.14 -17.22 21.91
C ILE D 87 -9.43 -17.66 21.22
N SER D 88 -10.57 -17.46 21.88
CA SER D 88 -11.87 -17.81 21.31
C SER D 88 -12.20 -16.79 20.23
N GLU D 89 -12.41 -15.54 20.66
CA GLU D 89 -12.74 -14.45 19.75
C GLU D 89 -11.62 -14.11 18.78
N VAL D 90 -10.40 -14.50 19.09
CA VAL D 90 -9.29 -14.23 18.19
C VAL D 90 -9.26 -15.26 17.07
N LYS D 91 -9.72 -16.46 17.36
CA LYS D 91 -9.76 -17.52 16.36
C LYS D 91 -10.80 -17.15 15.31
N GLU D 92 -11.92 -16.58 15.76
CA GLU D 92 -12.99 -16.16 14.84
C GLU D 92 -12.46 -15.14 13.84
N VAL D 93 -11.75 -14.13 14.34
CA VAL D 93 -11.19 -13.10 13.46
C VAL D 93 -10.20 -13.71 12.48
N LEU D 94 -9.38 -14.64 12.96
CA LEU D 94 -8.40 -15.28 12.09
C LEU D 94 -9.14 -16.00 10.97
N GLN D 95 -10.34 -16.49 11.29
CA GLN D 95 -11.16 -17.21 10.33
C GLN D 95 -11.59 -16.27 9.22
N GLU D 96 -12.38 -15.25 9.60
CA GLU D 96 -12.86 -14.28 8.63
C GLU D 96 -11.72 -13.79 7.75
N CYS D 97 -10.52 -13.72 8.32
CA CYS D 97 -9.34 -13.29 7.57
C CYS D 97 -8.99 -14.28 6.48
N LYS D 98 -9.10 -15.56 6.77
CA LYS D 98 -8.79 -16.60 5.80
C LYS D 98 -9.89 -16.58 4.75
N THR D 99 -11.13 -16.44 5.21
CA THR D 99 -12.25 -16.39 4.30
C THR D 99 -12.16 -15.20 3.37
N VAL D 100 -11.87 -14.02 3.94
CA VAL D 100 -11.74 -12.81 3.12
C VAL D 100 -10.68 -13.03 2.06
N ALA D 101 -9.53 -13.55 2.47
CA ALA D 101 -8.43 -13.79 1.55
C ALA D 101 -8.82 -14.82 0.51
N LEU D 102 -9.61 -15.81 0.91
CA LEU D 102 -10.02 -16.85 -0.02
C LEU D 102 -10.99 -16.28 -1.06
N LYS D 103 -11.99 -15.53 -0.60
CA LYS D 103 -12.96 -14.94 -1.51
C LYS D 103 -12.28 -14.02 -2.52
N ARG D 104 -11.32 -13.25 -2.03
CA ARG D 104 -10.58 -12.32 -2.85
C ARG D 104 -9.74 -13.04 -3.90
N ARG D 105 -9.24 -14.23 -3.56
CA ARG D 105 -8.45 -15.01 -4.52
C ARG D 105 -9.37 -15.49 -5.64
N LYS D 106 -10.51 -16.04 -5.25
CA LYS D 106 -11.46 -16.54 -6.22
C LYS D 106 -12.04 -15.44 -7.08
N ALA D 107 -12.21 -14.24 -6.52
CA ALA D 107 -12.76 -13.15 -7.31
C ALA D 107 -11.77 -12.74 -8.41
N SER D 108 -10.47 -12.73 -8.09
CA SER D 108 -9.45 -12.39 -9.09
C SER D 108 -9.39 -13.47 -10.16
N SER D 109 -9.49 -14.73 -9.75
CA SER D 109 -9.46 -15.85 -10.68
C SER D 109 -10.56 -15.70 -11.74
N ARG D 110 -11.75 -15.30 -11.31
CA ARG D 110 -12.87 -15.12 -12.22
C ARG D 110 -12.69 -13.89 -13.08
N LEU D 111 -12.19 -12.82 -12.48
CA LEU D 111 -11.99 -11.59 -13.23
C LEU D 111 -11.07 -11.85 -14.41
N GLU D 112 -10.04 -12.65 -14.17
CA GLU D 112 -9.06 -12.97 -15.20
C GLU D 112 -9.39 -14.20 -16.04
N ASN D 113 -10.38 -14.98 -15.65
CA ASN D 113 -10.68 -16.17 -16.43
C ASN D 113 -12.11 -16.45 -16.88
N LEU D 114 -13.08 -15.78 -16.28
CA LEU D 114 -14.46 -16.01 -16.65
C LEU D 114 -15.20 -14.75 -17.08
N GLY D 115 -14.50 -13.66 -17.34
CA GLY D 115 -15.18 -12.45 -17.75
C GLY D 115 -15.41 -12.38 -19.24
N ILE D 116 -16.13 -11.35 -19.68
CA ILE D 116 -16.39 -11.16 -21.11
C ILE D 116 -15.06 -11.21 -21.83
N PRO D 117 -14.91 -12.09 -22.83
CA PRO D 117 -13.64 -12.15 -23.54
C PRO D 117 -13.09 -10.75 -23.87
N GLU D 118 -11.80 -10.56 -23.63
CA GLU D 118 -11.13 -9.29 -23.86
C GLU D 118 -11.50 -8.65 -25.19
N GLU D 119 -11.60 -9.48 -26.22
CA GLU D 119 -11.95 -9.05 -27.55
C GLU D 119 -13.18 -8.09 -27.56
N GLU D 120 -14.30 -8.55 -27.00
CA GLU D 120 -15.53 -7.74 -26.95
C GLU D 120 -15.41 -6.57 -25.95
N LEU D 121 -14.62 -6.76 -24.89
CA LEU D 121 -14.43 -5.69 -23.94
C LEU D 121 -13.71 -4.57 -24.66
N LEU D 122 -12.68 -4.94 -25.42
CA LEU D 122 -11.94 -3.94 -26.17
C LEU D 122 -12.87 -3.20 -27.11
N ARG D 123 -13.68 -3.94 -27.86
CA ARG D 123 -14.61 -3.34 -28.81
C ARG D 123 -15.54 -2.36 -28.12
N GLN D 124 -16.14 -2.80 -27.01
CA GLN D 124 -17.03 -1.94 -26.27
C GLN D 124 -16.31 -0.65 -25.95
N GLN D 125 -15.15 -0.77 -25.32
CA GLN D 125 -14.36 0.39 -24.94
C GLN D 125 -13.96 1.28 -26.10
N GLN D 126 -13.57 0.69 -27.22
CA GLN D 126 -13.19 1.51 -28.36
C GLN D 126 -14.40 2.25 -28.92
N GLU D 127 -15.58 1.66 -28.77
CA GLU D 127 -16.81 2.29 -29.26
C GLU D 127 -17.01 3.60 -28.52
N LEU D 128 -16.89 3.54 -27.20
CA LEU D 128 -17.02 4.70 -26.35
C LEU D 128 -15.97 5.73 -26.74
N PHE D 129 -14.76 5.26 -27.05
CA PHE D 129 -13.68 6.18 -27.44
C PHE D 129 -13.93 6.88 -28.77
N ALA D 130 -14.24 6.10 -29.80
CA ALA D 130 -14.48 6.66 -31.13
C ALA D 130 -15.67 7.62 -31.06
N LYS D 131 -16.69 7.19 -30.35
CA LYS D 131 -17.90 7.97 -30.20
C LYS D 131 -17.62 9.32 -29.54
N ALA D 132 -16.76 9.32 -28.55
CA ALA D 132 -16.42 10.57 -27.85
C ALA D 132 -15.61 11.48 -28.77
N ARG D 133 -14.77 10.89 -29.61
CA ARG D 133 -13.95 11.66 -30.55
C ARG D 133 -14.91 12.34 -31.52
N GLN D 134 -15.95 11.61 -31.90
CA GLN D 134 -16.95 12.13 -32.81
C GLN D 134 -17.63 13.36 -32.20
N GLN D 135 -18.13 13.21 -30.99
CA GLN D 135 -18.81 14.31 -30.31
C GLN D 135 -17.94 15.57 -30.23
N GLN D 136 -16.77 15.45 -29.62
CA GLN D 136 -15.88 16.60 -29.49
C GLN D 136 -15.39 17.06 -30.85
N ALA D 137 -15.61 16.24 -31.87
CA ALA D 137 -15.22 16.61 -33.23
C ALA D 137 -16.23 17.64 -33.72
N GLU D 138 -17.51 17.32 -33.55
CA GLU D 138 -18.59 18.24 -33.97
C GLU D 138 -18.61 19.47 -33.08
N LEU D 139 -18.79 19.26 -31.78
CA LEU D 139 -18.84 20.34 -30.81
C LEU D 139 -17.68 21.32 -31.05
N ALA D 140 -16.60 20.81 -31.62
CA ALA D 140 -15.43 21.65 -31.90
C ALA D 140 -15.58 22.36 -33.23
N GLN D 141 -15.80 21.59 -34.29
CA GLN D 141 -15.97 22.14 -35.63
C GLN D 141 -17.11 23.15 -35.70
N GLN D 142 -18.19 22.87 -34.98
CA GLN D 142 -19.34 23.77 -34.96
C GLN D 142 -18.97 25.12 -34.35
N GLU D 143 -18.33 25.08 -33.18
CA GLU D 143 -17.91 26.30 -32.50
C GLU D 143 -16.87 27.01 -33.36
N TRP D 144 -16.21 26.25 -34.23
CA TRP D 144 -15.19 26.78 -35.12
C TRP D 144 -15.83 27.43 -36.34
N LEU D 145 -17.13 27.23 -36.51
CA LEU D 145 -17.87 27.79 -37.63
C LEU D 145 -18.52 29.11 -37.23
N GLN D 146 -17.95 29.76 -36.21
CA GLN D 146 -18.46 31.04 -35.74
C GLN D 146 -17.40 32.11 -35.88
N SER E 2 -9.99 15.13 -35.26
CA SER E 2 -9.72 16.48 -35.82
C SER E 2 -8.49 17.14 -35.20
N HIS E 3 -8.41 17.13 -33.87
CA HIS E 3 -7.26 17.73 -33.19
C HIS E 3 -6.69 16.87 -32.07
N MET E 4 -5.41 17.08 -31.80
CA MET E 4 -4.72 16.36 -30.74
C MET E 4 -4.88 17.17 -29.46
N SER E 5 -4.98 16.49 -28.32
CA SER E 5 -5.18 17.17 -27.05
C SER E 5 -4.34 18.43 -26.94
N GLY E 6 -3.07 18.33 -27.32
CA GLY E 6 -2.18 19.48 -27.22
C GLY E 6 -1.41 19.40 -25.92
N ILE E 7 -1.85 18.46 -25.08
CA ILE E 7 -1.23 18.21 -23.80
C ILE E 7 -0.36 16.96 -23.92
N VAL E 8 0.91 17.08 -23.53
CA VAL E 8 1.83 15.95 -23.58
C VAL E 8 2.16 15.50 -22.15
N PRO E 9 1.76 14.26 -21.79
CA PRO E 9 2.03 13.74 -20.44
C PRO E 9 3.52 13.67 -20.17
N GLN E 10 3.92 13.99 -18.96
CA GLN E 10 5.33 13.98 -18.62
C GLN E 10 5.67 12.76 -17.80
N LEU E 11 6.87 12.20 -18.04
CA LEU E 11 7.30 11.03 -17.30
C LEU E 11 7.71 11.41 -15.88
N GLN E 12 7.20 10.68 -14.89
CA GLN E 12 7.51 10.95 -13.49
C GLN E 12 8.28 9.83 -12.80
N ASN E 13 8.23 8.63 -13.37
CA ASN E 13 8.90 7.48 -12.78
C ASN E 13 9.13 6.33 -13.76
N ILE E 14 10.18 5.58 -13.51
CA ILE E 14 10.52 4.48 -14.38
C ILE E 14 11.15 3.35 -13.61
N VAL E 15 10.65 2.15 -13.85
CA VAL E 15 11.15 0.97 -13.20
C VAL E 15 11.78 0.07 -14.24
N SER E 16 13.08 -0.18 -14.09
CA SER E 16 13.78 -1.04 -15.01
C SER E 16 14.41 -2.15 -14.21
N THR E 17 14.93 -3.14 -14.91
CA THR E 17 15.57 -4.26 -14.28
C THR E 17 16.76 -4.59 -15.12
N VAL E 18 17.80 -5.09 -14.47
CA VAL E 18 19.01 -5.47 -15.17
C VAL E 18 19.58 -6.65 -14.38
N ASN E 19 20.20 -7.60 -15.07
CA ASN E 19 20.79 -8.74 -14.40
C ASN E 19 22.32 -8.63 -14.43
N LEU E 20 22.91 -8.45 -13.25
CA LEU E 20 24.36 -8.30 -13.16
C LEU E 20 25.12 -9.60 -13.45
N GLY E 21 24.39 -10.70 -13.50
CA GLY E 21 24.96 -12.00 -13.81
C GLY E 21 26.09 -12.56 -12.96
N CYS E 22 25.90 -12.56 -11.64
CA CYS E 22 26.90 -13.10 -10.72
C CYS E 22 26.37 -13.01 -9.30
N LYS E 23 26.50 -14.09 -8.53
CA LYS E 23 26.03 -14.09 -7.15
C LYS E 23 26.63 -12.91 -6.40
N LEU E 24 25.85 -12.37 -5.48
CA LEU E 24 26.27 -11.21 -4.68
C LEU E 24 26.07 -11.49 -3.20
N ASP E 25 26.94 -10.91 -2.37
CA ASP E 25 26.82 -11.06 -0.93
C ASP E 25 26.37 -9.69 -0.45
N LEU E 26 25.08 -9.58 -0.13
CA LEU E 26 24.54 -8.31 0.33
C LEU E 26 25.21 -7.83 1.61
N LYS E 27 25.52 -8.75 2.52
CA LYS E 27 26.18 -8.38 3.76
C LYS E 27 27.39 -7.51 3.40
N THR E 28 28.24 -8.08 2.55
CA THR E 28 29.45 -7.42 2.08
C THR E 28 29.18 -6.06 1.44
N ILE E 29 28.23 -6.03 0.49
CA ILE E 29 27.89 -4.79 -0.19
C ILE E 29 27.38 -3.73 0.75
N ALA E 30 26.47 -4.12 1.64
CA ALA E 30 25.90 -3.18 2.60
C ALA E 30 26.98 -2.66 3.53
N LEU E 31 27.95 -3.51 3.81
CA LEU E 31 29.05 -3.17 4.69
C LEU E 31 29.84 -1.94 4.23
N ARG E 32 30.31 -1.94 2.99
CA ARG E 32 31.09 -0.81 2.50
C ARG E 32 30.37 0.22 1.65
N ALA E 33 29.35 -0.19 0.92
CA ALA E 33 28.62 0.77 0.09
C ALA E 33 28.16 1.93 0.95
N ARG E 34 28.45 3.14 0.50
CA ARG E 34 28.08 4.36 1.23
C ARG E 34 26.60 4.40 1.64
N ASN E 35 25.75 4.80 0.69
CA ASN E 35 24.31 4.91 0.92
C ASN E 35 23.59 3.59 0.67
N ALA E 36 23.95 2.56 1.43
CA ALA E 36 23.33 1.26 1.27
C ALA E 36 22.63 0.79 2.54
N GLU E 37 21.43 0.23 2.39
CA GLU E 37 20.67 -0.27 3.51
C GLU E 37 20.50 -1.77 3.36
N TYR E 38 20.35 -2.48 4.47
CA TYR E 38 20.17 -3.92 4.40
C TYR E 38 19.65 -4.51 5.71
N ASN E 39 18.53 -5.22 5.62
CA ASN E 39 17.89 -5.88 6.75
C ASN E 39 17.33 -7.18 6.23
N PRO E 40 18.16 -8.21 6.07
CA PRO E 40 17.55 -9.44 5.56
C PRO E 40 16.38 -9.80 6.47
N LYS E 41 16.31 -9.10 7.59
CA LYS E 41 15.27 -9.28 8.58
C LYS E 41 13.92 -8.84 8.00
N ARG E 42 13.88 -7.61 7.48
CA ARG E 42 12.68 -7.05 6.88
C ARG E 42 12.54 -7.27 5.37
N PHE E 43 13.63 -7.03 4.63
CA PHE E 43 13.63 -7.19 3.19
C PHE E 43 14.91 -7.84 2.64
N ALA E 44 14.74 -8.91 1.89
CA ALA E 44 15.88 -9.64 1.35
C ALA E 44 16.62 -8.99 0.18
N ALA E 45 17.02 -7.73 0.32
CA ALA E 45 17.75 -7.07 -0.75
C ALA E 45 18.40 -5.78 -0.28
N VAL E 46 19.50 -5.43 -0.91
CA VAL E 46 20.19 -4.20 -0.56
C VAL E 46 19.41 -3.07 -1.19
N ILE E 47 19.37 -1.93 -0.52
CA ILE E 47 18.66 -0.76 -1.01
C ILE E 47 19.65 0.39 -1.17
N MET E 48 20.17 0.53 -2.38
CA MET E 48 21.15 1.57 -2.66
C MET E 48 20.49 2.73 -3.37
N ARG E 49 21.08 3.91 -3.21
CA ARG E 49 20.54 5.10 -3.84
C ARG E 49 21.67 5.95 -4.40
N ILE E 50 21.36 6.82 -5.35
CA ILE E 50 22.35 7.72 -5.91
C ILE E 50 21.65 9.04 -6.20
N ARG E 51 22.41 10.13 -6.11
CA ARG E 51 21.90 11.47 -6.31
C ARG E 51 21.62 11.85 -7.77
N GLU E 52 22.40 11.33 -8.71
CA GLU E 52 22.21 11.66 -10.11
C GLU E 52 22.52 10.50 -11.08
N PRO E 53 21.50 9.97 -11.76
CA PRO E 53 20.11 10.44 -11.64
C PRO E 53 19.56 10.01 -10.29
N ARG E 54 18.74 10.87 -9.68
CA ARG E 54 18.15 10.58 -8.39
C ARG E 54 17.31 9.32 -8.50
N THR E 55 17.79 8.24 -7.90
CA THR E 55 17.10 6.97 -7.99
C THR E 55 17.31 6.05 -6.80
N THR E 56 16.83 4.82 -6.95
CA THR E 56 16.96 3.83 -5.90
C THR E 56 17.03 2.48 -6.59
N ALA E 57 17.92 1.64 -6.13
CA ALA E 57 18.07 0.32 -6.72
C ALA E 57 17.84 -0.75 -5.68
N LEU E 58 17.24 -1.86 -6.07
CA LEU E 58 17.06 -2.97 -5.11
C LEU E 58 18.00 -4.03 -5.68
N ILE E 59 19.03 -4.40 -4.92
CA ILE E 59 19.97 -5.41 -5.37
C ILE E 59 19.78 -6.72 -4.64
N PHE E 60 19.51 -7.77 -5.41
CA PHE E 60 19.29 -9.08 -4.82
C PHE E 60 20.54 -9.95 -4.89
N SER E 61 20.47 -11.09 -4.21
CA SER E 61 21.55 -12.06 -4.12
C SER E 61 21.90 -12.69 -5.46
N SER E 62 20.88 -12.90 -6.28
CA SER E 62 21.10 -13.52 -7.58
C SER E 62 21.88 -12.63 -8.53
N GLY E 63 22.07 -11.38 -8.15
CA GLY E 63 22.77 -10.48 -9.03
C GLY E 63 21.77 -9.59 -9.74
N LYS E 64 20.52 -10.05 -9.83
CA LYS E 64 19.49 -9.26 -10.48
C LYS E 64 19.21 -8.01 -9.64
N MET E 65 18.81 -6.96 -10.33
CA MET E 65 18.60 -5.67 -9.70
C MET E 65 17.36 -4.95 -10.27
N VAL E 66 16.77 -4.07 -9.46
CA VAL E 66 15.60 -3.30 -9.86
C VAL E 66 15.96 -1.84 -9.64
N CYS E 67 15.75 -1.02 -10.65
CA CYS E 67 16.07 0.40 -10.58
C CYS E 67 14.81 1.25 -10.72
N THR E 68 14.56 2.12 -9.74
CA THR E 68 13.38 2.97 -9.76
C THR E 68 13.67 4.46 -9.55
N GLY E 69 12.73 5.32 -9.94
CA GLY E 69 12.91 6.74 -9.74
C GLY E 69 13.27 7.63 -10.93
N ALA E 70 13.81 7.06 -11.99
CA ALA E 70 14.19 7.83 -13.18
C ALA E 70 13.00 8.54 -13.83
N LYS E 71 13.30 9.54 -14.66
CA LYS E 71 12.28 10.35 -15.34
C LYS E 71 12.35 10.16 -16.85
N SER E 72 13.21 9.24 -17.29
CA SER E 72 13.34 8.95 -18.71
C SER E 72 14.04 7.61 -18.91
N GLU E 73 13.88 7.03 -20.10
CA GLU E 73 14.46 5.72 -20.40
C GLU E 73 15.98 5.66 -20.25
N GLU E 74 16.70 6.61 -20.83
CA GLU E 74 18.15 6.61 -20.74
C GLU E 74 18.65 7.03 -19.37
N GLN E 75 17.85 7.82 -18.65
CA GLN E 75 18.26 8.24 -17.33
C GLN E 75 18.25 7.00 -16.46
N SER E 76 17.26 6.14 -16.67
CA SER E 76 17.12 4.91 -15.90
C SER E 76 18.22 3.92 -16.22
N ARG E 77 18.65 3.92 -17.48
CA ARG E 77 19.72 3.03 -17.94
C ARG E 77 21.07 3.53 -17.42
N LEU E 78 21.18 4.83 -17.23
CA LEU E 78 22.42 5.39 -16.72
C LEU E 78 22.53 4.99 -15.26
N ALA E 79 21.51 5.33 -14.47
CA ALA E 79 21.49 5.03 -13.05
C ALA E 79 21.79 3.54 -12.87
N ALA E 80 21.15 2.72 -13.70
CA ALA E 80 21.36 1.29 -13.64
C ALA E 80 22.83 0.97 -13.81
N ARG E 81 23.51 1.67 -14.71
CA ARG E 81 24.93 1.45 -14.95
C ARG E 81 25.80 1.88 -13.75
N LYS E 82 25.49 3.02 -13.15
CA LYS E 82 26.25 3.47 -12.01
C LYS E 82 26.11 2.45 -10.87
N TYR E 83 24.94 1.86 -10.71
CA TYR E 83 24.75 0.86 -9.67
C TYR E 83 25.59 -0.37 -10.03
N ALA E 84 25.76 -0.62 -11.32
CA ALA E 84 26.53 -1.76 -11.77
C ALA E 84 28.00 -1.56 -11.49
N ARG E 85 28.51 -0.36 -11.75
CA ARG E 85 29.92 -0.08 -11.53
C ARG E 85 30.20 -0.05 -10.04
N VAL E 86 29.19 0.30 -9.25
CA VAL E 86 29.37 0.33 -7.81
C VAL E 86 29.59 -1.10 -7.33
N VAL E 87 28.66 -1.98 -7.64
CA VAL E 87 28.79 -3.38 -7.25
C VAL E 87 30.12 -3.89 -7.79
N GLN E 88 30.51 -3.34 -8.94
CA GLN E 88 31.74 -3.72 -9.61
C GLN E 88 32.99 -3.38 -8.79
N LYS E 89 33.12 -2.11 -8.45
CA LYS E 89 34.26 -1.63 -7.68
C LYS E 89 34.36 -2.32 -6.31
N LEU E 90 33.21 -2.74 -5.78
CA LEU E 90 33.18 -3.41 -4.49
C LEU E 90 33.76 -4.81 -4.59
N GLY E 91 34.35 -5.13 -5.74
CA GLY E 91 34.97 -6.44 -5.91
C GLY E 91 34.10 -7.57 -6.39
N PHE E 92 33.20 -7.28 -7.31
CA PHE E 92 32.32 -8.31 -7.83
C PHE E 92 32.35 -8.28 -9.35
N PRO E 93 32.29 -9.46 -9.99
CA PRO E 93 32.30 -9.69 -11.44
C PRO E 93 31.02 -9.14 -12.10
N ALA E 94 30.79 -7.83 -11.97
CA ALA E 94 29.57 -7.20 -12.48
C ALA E 94 29.42 -6.91 -13.96
N LYS E 95 28.49 -7.62 -14.59
CA LYS E 95 28.18 -7.43 -16.00
C LYS E 95 26.92 -6.56 -16.07
N PHE E 96 26.45 -6.26 -17.27
CA PHE E 96 25.25 -5.43 -17.45
C PHE E 96 24.34 -6.10 -18.49
N LEU E 97 23.60 -7.11 -18.07
CA LEU E 97 22.75 -7.87 -18.97
C LEU E 97 21.24 -7.66 -18.93
N ASP E 98 20.63 -7.82 -20.09
CA ASP E 98 19.19 -7.72 -20.29
C ASP E 98 18.48 -6.56 -19.61
N PHE E 99 18.98 -5.34 -19.84
CA PHE E 99 18.33 -4.18 -19.26
C PHE E 99 16.97 -4.03 -19.93
N LYS E 100 15.92 -3.87 -19.13
CA LYS E 100 14.57 -3.73 -19.65
C LYS E 100 13.67 -2.76 -18.86
N ILE E 101 13.01 -1.84 -19.56
CA ILE E 101 12.11 -0.95 -18.85
C ILE E 101 10.91 -1.85 -18.51
N GLN E 102 10.50 -1.87 -17.25
CA GLN E 102 9.38 -2.69 -16.83
C GLN E 102 8.11 -1.91 -16.59
N ASN E 103 8.24 -0.61 -16.30
CA ASN E 103 7.08 0.22 -16.04
C ASN E 103 7.43 1.69 -16.16
N MET E 104 6.47 2.48 -16.63
CA MET E 104 6.64 3.90 -16.82
C MET E 104 5.40 4.59 -16.31
N VAL E 105 5.60 5.70 -15.61
CA VAL E 105 4.51 6.46 -15.06
C VAL E 105 4.53 7.85 -15.66
N GLY E 106 3.36 8.34 -16.07
CA GLY E 106 3.27 9.66 -16.65
C GLY E 106 2.15 10.45 -16.00
N SER E 107 2.15 11.78 -16.16
CA SER E 107 1.09 12.61 -15.58
C SER E 107 0.94 13.95 -16.29
N CYS E 108 -0.28 14.47 -16.30
CA CYS E 108 -0.60 15.75 -16.92
C CYS E 108 -1.86 16.36 -16.36
N ASP E 109 -2.19 17.55 -16.85
CA ASP E 109 -3.36 18.28 -16.37
C ASP E 109 -4.25 18.70 -17.54
N VAL E 110 -5.51 18.25 -17.54
CA VAL E 110 -6.43 18.62 -18.62
C VAL E 110 -6.91 20.06 -18.40
N LYS E 111 -6.65 20.59 -17.21
CA LYS E 111 -7.02 21.96 -16.85
C LYS E 111 -8.52 22.24 -16.78
N PHE E 112 -9.26 21.37 -16.09
CA PHE E 112 -10.70 21.56 -15.90
C PHE E 112 -11.31 20.41 -15.11
N PRO E 113 -12.17 20.73 -14.12
CA PRO E 113 -12.81 19.73 -13.28
C PRO E 113 -13.48 18.62 -14.08
N ILE E 114 -13.66 17.46 -13.44
CA ILE E 114 -14.26 16.29 -14.09
C ILE E 114 -15.34 15.58 -13.27
N ARG E 115 -16.43 15.22 -13.93
CA ARG E 115 -17.55 14.54 -13.29
C ARG E 115 -17.32 13.05 -13.12
N LEU E 116 -16.39 12.66 -12.25
CA LEU E 116 -16.11 11.26 -12.04
C LEU E 116 -17.38 10.44 -11.79
N GLU E 117 -18.33 11.07 -11.12
CA GLU E 117 -19.62 10.44 -10.79
C GLU E 117 -20.29 9.80 -11.99
N GLY E 118 -20.27 10.50 -13.12
CA GLY E 118 -20.88 9.98 -14.33
C GLY E 118 -19.99 9.00 -15.07
N LEU E 119 -18.74 9.38 -15.29
CA LEU E 119 -17.75 8.55 -15.98
C LEU E 119 -17.79 7.11 -15.50
N VAL E 120 -17.99 6.93 -14.19
CA VAL E 120 -18.02 5.59 -13.62
C VAL E 120 -19.33 4.85 -13.92
N LEU E 121 -20.25 5.55 -14.59
CA LEU E 121 -21.53 4.98 -14.98
C LEU E 121 -21.47 4.55 -16.45
N THR E 122 -21.10 5.50 -17.31
CA THR E 122 -20.98 5.25 -18.74
C THR E 122 -19.91 4.19 -19.01
N HIS E 123 -18.84 4.20 -18.22
CA HIS E 123 -17.74 3.25 -18.39
C HIS E 123 -17.53 2.37 -17.16
N GLN E 124 -18.59 2.05 -16.44
CA GLN E 124 -18.46 1.25 -15.23
C GLN E 124 -17.61 -0.01 -15.32
N GLN E 125 -17.64 -0.67 -16.48
CA GLN E 125 -16.88 -1.91 -16.68
C GLN E 125 -15.37 -1.69 -16.80
N PHE E 126 -14.97 -0.43 -16.87
CA PHE E 126 -13.55 -0.06 -16.99
C PHE E 126 -13.14 0.86 -15.83
N SER E 127 -14.08 1.20 -14.96
CA SER E 127 -13.83 2.11 -13.85
C SER E 127 -14.10 1.56 -12.46
N SER E 128 -13.45 2.16 -11.48
CA SER E 128 -13.59 1.78 -10.08
C SER E 128 -13.48 3.06 -9.27
N TYR E 129 -14.63 3.62 -8.88
CA TYR E 129 -14.68 4.87 -8.13
C TYR E 129 -15.33 4.75 -6.76
N GLU E 130 -14.53 4.93 -5.72
CA GLU E 130 -15.01 4.86 -4.34
C GLU E 130 -14.34 5.97 -3.54
N PRO E 131 -14.80 7.21 -3.71
CA PRO E 131 -14.23 8.36 -2.99
C PRO E 131 -14.04 8.15 -1.49
N GLU E 132 -14.80 7.22 -0.92
CA GLU E 132 -14.66 6.92 0.50
C GLU E 132 -13.29 6.26 0.70
N LEU E 133 -12.91 5.43 -0.27
CA LEU E 133 -11.65 4.71 -0.21
C LEU E 133 -10.50 5.52 -0.83
N PHE E 134 -10.72 6.01 -2.06
CA PHE E 134 -9.71 6.79 -2.77
C PHE E 134 -10.36 7.93 -3.57
N PRO E 135 -9.90 9.16 -3.39
CA PRO E 135 -10.45 10.32 -4.11
C PRO E 135 -10.49 10.27 -5.64
N GLY E 136 -9.59 9.51 -6.26
CA GLY E 136 -9.58 9.45 -7.70
C GLY E 136 -10.30 8.27 -8.35
N LEU E 137 -10.63 8.44 -9.62
CA LEU E 137 -11.28 7.38 -10.38
C LEU E 137 -10.17 6.56 -11.05
N ILE E 138 -10.28 5.23 -10.94
CA ILE E 138 -9.31 4.28 -11.48
C ILE E 138 -9.82 3.69 -12.80
N TYR E 139 -9.20 4.11 -13.91
CA TYR E 139 -9.59 3.67 -15.26
C TYR E 139 -8.65 2.64 -15.86
N ARG E 140 -9.18 1.50 -16.27
CA ARG E 140 -8.39 0.45 -16.88
C ARG E 140 -8.60 0.39 -18.39
N MET E 141 -7.61 0.85 -19.14
CA MET E 141 -7.69 0.84 -20.60
C MET E 141 -7.16 -0.51 -21.07
N ILE E 142 -7.82 -1.09 -22.09
CA ILE E 142 -7.42 -2.40 -22.62
C ILE E 142 -6.39 -2.34 -23.75
N LYS E 143 -6.43 -1.31 -24.58
CA LYS E 143 -5.45 -1.16 -25.65
C LYS E 143 -5.16 0.31 -25.91
N PRO E 144 -3.95 0.77 -25.53
CA PRO E 144 -2.95 -0.09 -24.90
C PRO E 144 -3.40 -0.46 -23.49
N ARG E 145 -2.69 -1.39 -22.86
CA ARG E 145 -3.03 -1.83 -21.51
C ARG E 145 -2.40 -0.98 -20.41
N ILE E 146 -3.00 0.17 -20.14
CA ILE E 146 -2.48 1.01 -19.09
C ILE E 146 -3.59 1.45 -18.14
N VAL E 147 -3.23 1.78 -16.91
CA VAL E 147 -4.17 2.20 -15.89
C VAL E 147 -4.09 3.71 -15.65
N LEU E 148 -5.24 4.36 -15.58
CA LEU E 148 -5.23 5.80 -15.35
C LEU E 148 -5.88 6.17 -14.04
N LEU E 149 -5.34 7.21 -13.41
CA LEU E 149 -5.89 7.71 -12.15
C LEU E 149 -6.40 9.09 -12.54
N ILE E 150 -7.73 9.25 -12.51
CA ILE E 150 -8.34 10.51 -12.88
C ILE E 150 -8.89 11.21 -11.65
N PHE E 151 -8.54 12.47 -11.48
CA PHE E 151 -9.00 13.23 -10.32
C PHE E 151 -9.90 14.41 -10.66
N VAL E 152 -10.90 14.61 -9.81
CA VAL E 152 -11.87 15.69 -9.99
C VAL E 152 -11.24 16.99 -10.51
N SER E 153 -10.02 17.26 -10.08
CA SER E 153 -9.30 18.47 -10.49
C SER E 153 -8.80 18.49 -11.93
N GLY E 154 -8.88 17.37 -12.63
CA GLY E 154 -8.40 17.36 -14.01
C GLY E 154 -6.96 16.89 -14.14
N LYS E 155 -6.34 16.56 -13.01
CA LYS E 155 -4.98 16.05 -13.02
C LYS E 155 -5.18 14.58 -13.38
N VAL E 156 -4.26 14.02 -14.17
CA VAL E 156 -4.39 12.64 -14.57
C VAL E 156 -3.07 11.90 -14.50
N VAL E 157 -3.10 10.70 -13.95
CA VAL E 157 -1.89 9.90 -13.89
C VAL E 157 -2.08 8.70 -14.81
N LEU E 158 -1.01 8.30 -15.47
CA LEU E 158 -1.04 7.14 -16.36
C LEU E 158 0.10 6.21 -15.95
N THR E 159 -0.18 4.92 -15.82
CA THR E 159 0.84 3.96 -15.44
C THR E 159 0.63 2.56 -16.03
N GLY E 160 1.67 1.74 -16.00
CA GLY E 160 1.57 0.40 -16.54
C GLY E 160 2.29 0.22 -17.87
N ALA E 161 2.72 1.31 -18.49
CA ALA E 161 3.39 1.26 -19.79
C ALA E 161 4.77 0.63 -19.85
N LYS E 162 5.06 -0.01 -20.98
CA LYS E 162 6.36 -0.63 -21.23
C LYS E 162 7.19 0.29 -22.09
N VAL E 163 6.53 1.13 -22.89
CA VAL E 163 7.19 2.08 -23.78
C VAL E 163 6.36 3.35 -23.79
N ARG E 164 7.00 4.51 -23.69
CA ARG E 164 6.27 5.79 -23.62
C ARG E 164 5.15 6.03 -24.64
N ALA E 165 5.20 5.40 -25.80
CA ALA E 165 4.14 5.59 -26.79
C ALA E 165 2.79 5.13 -26.23
N GLU E 166 2.80 4.07 -25.42
CA GLU E 166 1.57 3.56 -24.84
C GLU E 166 0.91 4.59 -23.93
N ILE E 167 1.73 5.41 -23.26
CA ILE E 167 1.20 6.46 -22.40
C ILE E 167 0.56 7.59 -23.23
N TYR E 168 1.20 7.97 -24.33
CA TYR E 168 0.67 9.01 -25.19
C TYR E 168 -0.59 8.52 -25.92
N GLU E 169 -0.65 7.22 -26.20
CA GLU E 169 -1.80 6.68 -26.87
C GLU E 169 -2.97 6.66 -25.90
N ALA E 170 -2.70 6.25 -24.66
CA ALA E 170 -3.76 6.18 -23.65
C ALA E 170 -4.34 7.55 -23.36
N PHE E 171 -3.49 8.55 -23.18
CA PHE E 171 -3.99 9.88 -22.89
C PHE E 171 -4.81 10.43 -24.04
N GLU E 172 -4.30 10.31 -25.27
CA GLU E 172 -5.05 10.82 -26.42
C GLU E 172 -6.40 10.13 -26.56
N ASN E 173 -6.54 8.92 -26.05
CA ASN E 173 -7.82 8.23 -26.12
C ASN E 173 -8.76 8.80 -25.07
N ILE E 174 -8.26 9.02 -23.86
CA ILE E 174 -9.05 9.50 -22.74
C ILE E 174 -9.40 11.00 -22.75
N TYR E 175 -8.60 11.81 -23.43
CA TYR E 175 -8.88 13.24 -23.43
C TYR E 175 -10.29 13.56 -23.90
N PRO E 176 -10.68 13.08 -25.09
CA PRO E 176 -12.05 13.41 -25.51
C PRO E 176 -13.12 12.87 -24.56
N ILE E 177 -12.85 11.74 -23.90
CA ILE E 177 -13.82 11.22 -22.95
C ILE E 177 -13.92 12.22 -21.79
N LEU E 178 -12.77 12.63 -21.29
CA LEU E 178 -12.73 13.58 -20.19
C LEU E 178 -13.46 14.88 -20.52
N LYS E 179 -13.29 15.39 -21.73
CA LYS E 179 -13.97 16.62 -22.12
C LYS E 179 -15.48 16.40 -22.17
N GLY E 180 -15.90 15.16 -22.36
CA GLY E 180 -17.32 14.86 -22.40
C GLY E 180 -17.93 14.76 -21.01
N PHE E 181 -17.07 14.81 -20.00
CA PHE E 181 -17.53 14.72 -18.62
C PHE E 181 -17.04 15.92 -17.82
N ARG E 182 -16.76 17.01 -18.53
CA ARG E 182 -16.31 18.22 -17.88
C ARG E 182 -17.38 18.64 -16.88
N LYS E 183 -16.95 19.26 -15.78
CA LYS E 183 -17.89 19.71 -14.76
C LYS E 183 -18.10 21.22 -14.89
N THR E 184 -19.33 21.68 -14.66
CA THR E 184 -19.65 23.10 -14.72
C THR E 184 -20.72 23.48 -13.69
#